data_5RZQ
#
_entry.id   5RZQ
#
_cell.length_a   38.560
_cell.length_b   77.690
_cell.length_c   99.500
_cell.angle_alpha   90.000
_cell.angle_beta   90.000
_cell.angle_gamma   90.000
#
_symmetry.space_group_name_H-M   'P 21 21 21'
#
loop_
_entity.id
_entity.type
_entity.pdbx_description
1 polymer 'Isoform 2 of Band 4.1-like protein 3'
2 non-polymer 2-bromo-4-fluoro-N,N-dimethylbenzamide
3 non-polymer 'DIMETHYL SULFOXIDE'
4 non-polymer 1,2-ETHANEDIOL
5 water water
#
_entity_poly.entity_id   1
_entity_poly.type   'polypeptide(L)'
_entity_poly.pdbx_seq_one_letter_code
;SMPKSMQCKVILLDGSEYTCDVEKRSRGQVLFDKVCEHLNLLEKDYFGLTYRDAENQKNWLDPAKEIKKQVRSGAWHFSF
NVKFYPPDPAQLSEDITRYYLCLQLRDDIVSGRLPCSFVTLALLGSYTVQSELGDYDPDECGSDYISEFRFAPNHTKELE
DKVIELHKSHRGMTPAEAEMHFLENAKKLSMYGVDLHHAKDSEGVEIMLGVCASGLLIYRDRLRINRFAWPKVLKISYKR
NNFYIKIRPGEFEQFESTIGFKLPNHRAAKRLWKVCVEHHTFFRLL
;
_entity_poly.pdbx_strand_id   A
#
loop_
_chem_comp.id
_chem_comp.type
_chem_comp.name
_chem_comp.formula
DMS non-polymer 'DIMETHYL SULFOXIDE' 'C2 H6 O S'
EDO non-polymer 1,2-ETHANEDIOL 'C2 H6 O2'
WJ7 non-polymer 2-bromo-4-fluoro-N,N-dimethylbenzamide 'C9 H9 Br F N O'
#
# COMPACT_ATOMS: atom_id res chain seq x y z
N PRO A 3 -26.34 -24.79 5.99
CA PRO A 3 -25.40 -23.66 5.88
C PRO A 3 -25.11 -23.25 4.42
N LYS A 4 -25.55 -22.05 4.03
CA LYS A 4 -25.33 -21.55 2.67
C LYS A 4 -24.00 -20.82 2.60
N SER A 5 -23.14 -21.19 1.65
N SER A 5 -23.13 -21.25 1.69
CA SER A 5 -21.77 -20.65 1.48
CA SER A 5 -21.79 -20.69 1.41
C SER A 5 -21.63 -19.89 0.15
C SER A 5 -21.88 -19.66 0.28
N MET A 6 -20.88 -18.78 0.17
CA MET A 6 -20.68 -17.89 -1.03
C MET A 6 -19.25 -18.12 -1.53
N GLN A 7 -19.10 -18.20 -2.83
CA GLN A 7 -17.80 -18.31 -3.49
C GLN A 7 -17.12 -16.94 -3.48
N CYS A 8 -15.89 -16.89 -2.95
CA CYS A 8 -15.05 -15.66 -2.90
C CYS A 8 -13.87 -15.85 -3.85
N LYS A 9 -13.55 -14.83 -4.65
CA LYS A 9 -12.35 -14.76 -5.50
C LYS A 9 -11.45 -13.63 -5.04
N VAL A 10 -10.18 -13.99 -4.78
CA VAL A 10 -9.17 -13.07 -4.23
C VAL A 10 -8.00 -13.01 -5.22
N ILE A 11 -7.72 -11.82 -5.77
CA ILE A 11 -6.48 -11.53 -6.53
C ILE A 11 -5.33 -11.45 -5.53
N LEU A 12 -4.41 -12.39 -5.66
CA LEU A 12 -3.15 -12.43 -4.87
C LEU A 12 -2.09 -11.49 -5.47
N LEU A 13 -1.05 -11.19 -4.69
CA LEU A 13 -0.08 -10.15 -5.05
C LEU A 13 0.77 -10.61 -6.24
N ASP A 14 0.83 -11.91 -6.56
CA ASP A 14 1.54 -12.40 -7.79
C ASP A 14 0.59 -12.36 -8.99
N GLY A 15 -0.63 -11.87 -8.80
CA GLY A 15 -1.62 -11.71 -9.88
C GLY A 15 -2.43 -12.96 -10.13
N SER A 16 -2.18 -14.04 -9.38
CA SER A 16 -3.01 -15.26 -9.45
C SER A 16 -4.31 -15.05 -8.64
N GLU A 17 -5.30 -15.92 -8.90
CA GLU A 17 -6.66 -15.89 -8.31
C GLU A 17 -6.76 -17.02 -7.28
N TYR A 18 -7.18 -16.74 -6.06
CA TYR A 18 -7.51 -17.81 -5.10
C TYR A 18 -9.03 -17.81 -4.90
N THR A 19 -9.64 -19.00 -4.98
CA THR A 19 -11.11 -19.19 -4.83
C THR A 19 -11.36 -20.00 -3.56
N CYS A 20 -12.29 -19.56 -2.70
CA CYS A 20 -12.76 -20.35 -1.55
C CYS A 20 -14.23 -20.03 -1.27
N ASP A 21 -14.82 -20.71 -0.30
CA ASP A 21 -16.23 -20.50 0.10
C ASP A 21 -16.23 -20.09 1.56
N VAL A 22 -17.15 -19.24 1.97
CA VAL A 22 -17.44 -18.91 3.39
C VAL A 22 -18.95 -18.97 3.54
N GLU A 23 -19.46 -19.27 4.73
CA GLU A 23 -20.90 -19.11 5.05
C GLU A 23 -21.27 -17.67 4.62
N LYS A 24 -22.46 -17.47 4.05
CA LYS A 24 -22.87 -16.16 3.49
C LYS A 24 -22.91 -15.07 4.58
N ARG A 25 -23.11 -15.39 5.86
CA ARG A 25 -23.14 -14.39 6.97
C ARG A 25 -21.73 -14.20 7.58
N SER A 26 -20.69 -14.77 6.99
CA SER A 26 -19.28 -14.65 7.47
C SER A 26 -18.82 -13.20 7.62
N ARG A 27 -18.03 -12.91 8.66
CA ARG A 27 -17.31 -11.62 8.84
C ARG A 27 -16.06 -11.63 7.96
N GLY A 28 -15.48 -10.47 7.67
CA GLY A 28 -14.32 -10.39 6.75
C GLY A 28 -13.14 -11.25 7.27
N GLN A 29 -12.94 -11.29 8.60
CA GLN A 29 -11.81 -12.03 9.24
C GLN A 29 -11.80 -13.50 8.77
N VAL A 30 -12.97 -14.09 8.56
CA VAL A 30 -13.08 -15.52 8.18
C VAL A 30 -12.39 -15.72 6.84
N LEU A 31 -12.72 -14.91 5.83
CA LEU A 31 -12.09 -15.01 4.49
C LEU A 31 -10.60 -14.68 4.61
N PHE A 32 -10.28 -13.61 5.33
CA PHE A 32 -8.89 -13.16 5.50
C PHE A 32 -8.04 -14.30 6.09
N ASP A 33 -8.53 -14.97 7.11
CA ASP A 33 -7.79 -16.09 7.77
C ASP A 33 -7.52 -17.17 6.74
N LYS A 34 -8.54 -17.48 5.91
CA LYS A 34 -8.42 -18.51 4.83
C LYS A 34 -7.35 -18.08 3.83
N VAL A 35 -7.34 -16.81 3.41
CA VAL A 35 -6.35 -16.36 2.40
C VAL A 35 -4.94 -16.43 3.02
N CYS A 36 -4.78 -16.00 4.27
CA CYS A 36 -3.47 -15.93 4.95
C CYS A 36 -2.90 -17.34 5.14
N GLU A 37 -3.75 -18.30 5.50
CA GLU A 37 -3.35 -19.73 5.60
C GLU A 37 -2.79 -20.16 4.25
N HIS A 38 -3.55 -19.93 3.16
CA HIS A 38 -3.12 -20.28 1.79
C HIS A 38 -1.74 -19.68 1.52
N LEU A 39 -1.47 -18.46 1.99
CA LEU A 39 -0.21 -17.76 1.64
C LEU A 39 0.91 -18.18 2.62
N ASN A 40 0.64 -19.01 3.63
CA ASN A 40 1.56 -19.39 4.75
C ASN A 40 2.00 -18.12 5.50
N LEU A 41 1.08 -17.21 5.74
CA LEU A 41 1.40 -15.87 6.30
C LEU A 41 0.93 -15.82 7.77
N LEU A 42 1.89 -15.53 8.65
CA LEU A 42 1.67 -15.44 10.11
C LEU A 42 1.60 -13.98 10.51
N GLU A 43 2.43 -13.12 9.91
CA GLU A 43 2.47 -11.69 10.29
C GLU A 43 1.34 -10.97 9.54
N LYS A 44 0.10 -11.29 9.90
CA LYS A 44 -1.12 -10.91 9.12
C LYS A 44 -1.51 -9.44 9.33
N ASP A 45 -1.04 -8.79 10.39
CA ASP A 45 -1.53 -7.46 10.87
C ASP A 45 -1.28 -6.37 9.85
N TYR A 46 -0.25 -6.54 9.01
CA TYR A 46 0.16 -5.55 7.99
C TYR A 46 -0.76 -5.62 6.76
N PHE A 47 -1.65 -6.62 6.65
CA PHE A 47 -2.38 -6.93 5.39
C PHE A 47 -3.89 -6.85 5.59
N GLY A 48 -4.61 -6.85 4.49
CA GLY A 48 -6.07 -6.78 4.51
C GLY A 48 -6.54 -7.15 3.13
N LEU A 49 -7.86 -7.23 2.99
CA LEU A 49 -8.53 -7.48 1.71
C LEU A 49 -9.23 -6.18 1.30
N THR A 50 -9.12 -5.84 0.03
CA THR A 50 -9.86 -4.71 -0.59
C THR A 50 -10.99 -5.28 -1.45
N TYR A 51 -12.02 -4.48 -1.64
CA TYR A 51 -13.05 -4.73 -2.67
C TYR A 51 -13.36 -3.39 -3.35
N ARG A 52 -13.96 -3.45 -4.53
CA ARG A 52 -14.39 -2.26 -5.32
C ARG A 52 -15.87 -2.04 -5.02
N ASP A 53 -16.25 -0.83 -4.61
CA ASP A 53 -17.67 -0.53 -4.29
C ASP A 53 -18.39 -0.21 -5.59
N ALA A 54 -19.68 0.09 -5.47
CA ALA A 54 -20.57 0.37 -6.62
C ALA A 54 -20.20 1.72 -7.24
N GLU A 55 -19.42 2.57 -6.54
CA GLU A 55 -18.82 3.80 -7.15
C GLU A 55 -17.46 3.44 -7.80
N ASN A 56 -17.08 2.16 -7.77
CA ASN A 56 -15.78 1.57 -8.21
C ASN A 56 -14.60 2.02 -7.34
N GLN A 57 -14.81 2.39 -6.09
CA GLN A 57 -13.70 2.85 -5.19
C GLN A 57 -13.14 1.65 -4.43
N LYS A 58 -11.82 1.63 -4.22
CA LYS A 58 -11.16 0.67 -3.32
C LYS A 58 -11.63 0.94 -1.90
N ASN A 59 -12.11 -0.10 -1.24
CA ASN A 59 -12.51 -0.10 0.18
C ASN A 59 -11.76 -1.22 0.89
N TRP A 60 -11.34 -1.01 2.13
CA TRP A 60 -10.83 -2.12 2.97
C TRP A 60 -12.03 -2.94 3.44
N LEU A 61 -11.99 -4.25 3.26
CA LEU A 61 -12.97 -5.16 3.89
C LEU A 61 -12.71 -5.13 5.41
N ASP A 62 -13.72 -4.75 6.18
CA ASP A 62 -13.59 -4.70 7.66
C ASP A 62 -13.72 -6.13 8.18
N PRO A 63 -12.68 -6.66 8.83
CA PRO A 63 -12.69 -8.04 9.29
C PRO A 63 -13.76 -8.30 10.35
N ALA A 64 -14.19 -7.27 11.05
CA ALA A 64 -15.18 -7.35 12.16
C ALA A 64 -16.62 -7.40 11.67
N LYS A 65 -16.87 -7.02 10.41
CA LYS A 65 -18.25 -6.86 9.91
C LYS A 65 -18.56 -7.95 8.89
N GLU A 66 -19.83 -8.22 8.67
CA GLU A 66 -20.26 -9.21 7.66
C GLU A 66 -19.74 -8.75 6.30
N ILE A 67 -19.28 -9.71 5.52
CA ILE A 67 -18.84 -9.48 4.13
C ILE A 67 -20.03 -8.92 3.32
N LYS A 68 -21.21 -9.52 3.47
CA LYS A 68 -22.42 -9.16 2.68
C LYS A 68 -22.80 -7.72 2.98
N LYS A 69 -22.63 -7.24 4.20
CA LYS A 69 -23.03 -5.84 4.53
C LYS A 69 -22.03 -4.83 3.99
N GLN A 70 -20.92 -5.30 3.41
CA GLN A 70 -19.88 -4.40 2.87
C GLN A 70 -19.94 -4.46 1.34
N VAL A 71 -19.90 -5.66 0.75
CA VAL A 71 -19.90 -5.78 -0.73
C VAL A 71 -21.33 -5.44 -1.22
N ARG A 72 -22.32 -5.58 -0.35
CA ARG A 72 -23.74 -5.16 -0.56
C ARG A 72 -24.19 -5.76 -1.89
N SER A 73 -24.24 -4.96 -2.95
CA SER A 73 -24.80 -5.39 -4.25
C SER A 73 -23.70 -5.98 -5.14
N GLY A 74 -22.41 -5.72 -4.84
CA GLY A 74 -21.26 -6.15 -5.65
C GLY A 74 -20.96 -7.66 -5.57
N ALA A 75 -20.09 -8.08 -6.48
CA ALA A 75 -19.50 -9.43 -6.57
C ALA A 75 -18.58 -9.65 -5.36
N TRP A 76 -18.40 -10.89 -4.96
CA TRP A 76 -17.53 -11.30 -3.82
C TRP A 76 -16.14 -11.54 -4.40
N HIS A 77 -15.59 -10.47 -4.93
CA HIS A 77 -14.26 -10.40 -5.59
C HIS A 77 -13.42 -9.47 -4.72
N PHE A 78 -12.20 -9.87 -4.42
CA PHE A 78 -11.34 -9.11 -3.49
C PHE A 78 -9.91 -9.12 -4.00
N SER A 79 -9.10 -8.21 -3.47
CA SER A 79 -7.62 -8.28 -3.63
C SER A 79 -6.98 -8.39 -2.26
N PHE A 80 -5.85 -9.06 -2.23
CA PHE A 80 -5.01 -9.17 -1.03
C PHE A 80 -3.94 -8.10 -1.12
N ASN A 81 -3.84 -7.24 -0.10
CA ASN A 81 -2.96 -6.05 -0.12
C ASN A 81 -2.27 -5.76 1.20
N VAL A 82 -1.16 -5.05 1.11
CA VAL A 82 -0.57 -4.44 2.32
C VAL A 82 -1.49 -3.29 2.74
N LYS A 83 -1.92 -3.31 4.00
CA LYS A 83 -2.71 -2.24 4.63
C LYS A 83 -1.80 -1.28 5.41
N PHE A 84 -0.89 -1.81 6.21
CA PHE A 84 0.08 -0.99 7.00
C PHE A 84 1.52 -1.32 6.56
N TYR A 85 2.17 -0.37 5.87
CA TYR A 85 3.52 -0.54 5.30
C TYR A 85 4.50 -0.35 6.44
N PRO A 86 5.21 -1.38 6.91
CA PRO A 86 6.14 -1.20 8.03
C PRO A 86 7.22 -0.16 7.77
N PRO A 87 7.41 0.87 8.63
CA PRO A 87 8.50 1.82 8.43
C PRO A 87 9.88 1.13 8.38
N ASP A 88 10.02 -0.01 9.05
CA ASP A 88 11.31 -0.75 9.10
C ASP A 88 11.10 -2.21 8.83
N PRO A 89 11.03 -2.60 7.54
CA PRO A 89 10.78 -4.00 7.18
C PRO A 89 11.80 -4.98 7.75
N ALA A 90 13.04 -4.55 8.04
CA ALA A 90 14.06 -5.43 8.68
C ALA A 90 13.52 -5.99 9.99
N GLN A 91 12.56 -5.32 10.63
CA GLN A 91 12.09 -5.74 11.98
C GLN A 91 10.96 -6.76 11.85
N LEU A 92 10.38 -6.96 10.67
CA LEU A 92 9.40 -8.07 10.52
C LEU A 92 10.12 -9.36 10.91
N SER A 93 9.41 -10.30 11.49
CA SER A 93 10.04 -11.52 12.05
C SER A 93 10.25 -12.55 10.94
N GLU A 94 9.50 -12.49 9.83
CA GLU A 94 9.59 -13.58 8.81
C GLU A 94 9.95 -13.05 7.44
N ASP A 95 10.70 -13.86 6.69
CA ASP A 95 11.09 -13.54 5.32
C ASP A 95 9.82 -13.56 4.45
N ILE A 96 8.87 -14.46 4.71
CA ILE A 96 7.70 -14.57 3.81
C ILE A 96 6.93 -13.25 3.89
N THR A 97 6.89 -12.63 5.08
CA THR A 97 6.26 -11.29 5.28
C THR A 97 6.93 -10.29 4.35
N ARG A 98 8.27 -10.26 4.34
CA ARG A 98 9.03 -9.31 3.51
C ARG A 98 8.75 -9.59 2.03
N TYR A 99 8.57 -10.86 1.69
CA TYR A 99 8.34 -11.28 0.29
C TYR A 99 7.01 -10.68 -0.21
N TYR A 100 5.94 -10.79 0.55
CA TYR A 100 4.62 -10.27 0.13
C TYR A 100 4.68 -8.73 0.09
N LEU A 101 5.41 -8.12 1.04
CA LEU A 101 5.60 -6.65 1.03
C LEU A 101 6.30 -6.25 -0.27
N CYS A 102 7.31 -7.02 -0.69
CA CYS A 102 8.01 -6.72 -1.96
C CYS A 102 7.01 -6.77 -3.11
N LEU A 103 6.22 -7.83 -3.19
CA LEU A 103 5.28 -7.97 -4.34
C LEU A 103 4.35 -6.77 -4.37
N GLN A 104 3.87 -6.32 -3.20
CA GLN A 104 2.91 -5.19 -3.13
C GLN A 104 3.63 -3.98 -3.68
N LEU A 105 4.89 -3.79 -3.24
CA LEU A 105 5.64 -2.57 -3.61
C LEU A 105 5.93 -2.57 -5.11
N ARG A 106 6.24 -3.72 -5.68
CA ARG A 106 6.46 -3.84 -7.14
C ARG A 106 5.21 -3.33 -7.85
N ASP A 107 4.02 -3.66 -7.33
CA ASP A 107 2.74 -3.19 -7.95
C ASP A 107 2.61 -1.69 -7.71
N ASP A 108 3.02 -1.19 -6.55
CA ASP A 108 2.95 0.25 -6.23
C ASP A 108 3.80 1.02 -7.25
N ILE A 109 4.95 0.47 -7.60
CA ILE A 109 5.92 1.15 -8.51
C ILE A 109 5.35 1.13 -9.93
N VAL A 110 4.95 -0.04 -10.41
CA VAL A 110 4.52 -0.25 -11.83
C VAL A 110 3.30 0.64 -12.12
N SER A 111 2.41 0.75 -11.14
CA SER A 111 1.12 1.47 -11.20
C SER A 111 1.35 2.99 -11.13
N GLY A 112 2.50 3.42 -10.59
CA GLY A 112 2.85 4.85 -10.44
C GLY A 112 2.36 5.43 -9.14
N ARG A 113 1.76 4.61 -8.26
CA ARG A 113 1.39 5.07 -6.89
C ARG A 113 2.66 5.43 -6.12
N LEU A 114 3.79 4.80 -6.44
CA LEU A 114 5.06 5.00 -5.69
C LEU A 114 6.10 5.50 -6.67
N PRO A 115 6.21 6.84 -6.82
CA PRO A 115 7.10 7.43 -7.79
C PRO A 115 8.51 7.13 -7.36
N CYS A 116 9.38 7.02 -8.37
N CYS A 116 9.35 6.76 -8.34
CA CYS A 116 10.75 6.50 -8.21
CA CYS A 116 10.80 6.46 -8.18
C CYS A 116 11.64 7.08 -9.32
C CYS A 116 11.60 7.17 -9.27
N SER A 117 12.87 7.47 -8.98
CA SER A 117 13.87 7.94 -9.96
C SER A 117 14.26 6.76 -10.85
N PHE A 118 14.80 7.06 -12.02
CA PHE A 118 15.41 6.11 -12.96
C PHE A 118 16.30 5.14 -12.19
N VAL A 119 17.26 5.68 -11.45
CA VAL A 119 18.30 4.85 -10.79
C VAL A 119 17.65 3.93 -9.74
N THR A 120 16.71 4.44 -8.96
CA THR A 120 15.98 3.60 -7.97
C THR A 120 15.07 2.58 -8.66
N LEU A 121 14.36 2.90 -9.74
CA LEU A 121 13.67 1.85 -10.53
C LEU A 121 14.63 0.73 -10.94
N ALA A 122 15.79 1.07 -11.51
CA ALA A 122 16.75 0.05 -11.99
C ALA A 122 17.28 -0.76 -10.79
N LEU A 123 17.56 -0.11 -9.67
CA LEU A 123 18.12 -0.83 -8.49
C LEU A 123 17.10 -1.80 -7.90
N LEU A 124 15.88 -1.32 -7.67
CA LEU A 124 14.75 -2.17 -7.20
C LEU A 124 14.56 -3.32 -8.20
N GLY A 125 14.45 -3.02 -9.49
CA GLY A 125 14.42 -4.00 -10.57
C GLY A 125 15.50 -5.07 -10.37
N SER A 126 16.74 -4.62 -10.16
CA SER A 126 17.92 -5.52 -10.09
C SER A 126 17.79 -6.49 -8.92
N TYR A 127 17.24 -6.05 -7.79
CA TYR A 127 17.02 -6.94 -6.62
C TYR A 127 15.90 -7.96 -6.90
N THR A 128 14.82 -7.52 -7.50
CA THR A 128 13.72 -8.42 -7.93
C THR A 128 14.31 -9.53 -8.83
N VAL A 129 15.10 -9.16 -9.83
CA VAL A 129 15.66 -10.15 -10.78
C VAL A 129 16.55 -11.12 -9.98
N GLN A 130 17.41 -10.61 -9.12
CA GLN A 130 18.33 -11.47 -8.34
C GLN A 130 17.51 -12.47 -7.50
N SER A 131 16.47 -11.97 -6.83
N SER A 131 16.43 -12.01 -6.88
CA SER A 131 15.53 -12.76 -6.01
CA SER A 131 15.56 -12.80 -5.97
C SER A 131 14.91 -13.88 -6.85
C SER A 131 14.74 -13.83 -6.77
N GLU A 132 14.38 -13.52 -8.02
CA GLU A 132 13.56 -14.42 -8.86
C GLU A 132 14.38 -15.34 -9.77
N LEU A 133 15.49 -14.85 -10.36
CA LEU A 133 16.30 -15.67 -11.31
C LEU A 133 17.60 -16.10 -10.66
N GLY A 134 18.01 -15.49 -9.55
CA GLY A 134 19.37 -15.78 -9.04
C GLY A 134 20.43 -15.00 -9.80
N ASP A 135 21.67 -15.48 -9.75
CA ASP A 135 22.86 -14.78 -10.28
C ASP A 135 22.69 -14.47 -11.76
N TYR A 136 23.20 -13.30 -12.17
CA TYR A 136 23.30 -12.88 -13.58
C TYR A 136 23.92 -14.02 -14.40
N ASP A 137 23.29 -14.31 -15.54
CA ASP A 137 23.74 -15.27 -16.59
C ASP A 137 23.62 -14.60 -17.96
N PRO A 138 24.74 -14.40 -18.70
CA PRO A 138 24.69 -13.77 -20.02
C PRO A 138 23.85 -14.53 -21.05
N ASP A 139 23.71 -15.85 -20.87
CA ASP A 139 23.00 -16.78 -21.79
C ASP A 139 21.64 -16.20 -22.17
N GLU A 140 20.79 -15.92 -21.18
CA GLU A 140 19.41 -15.42 -21.39
C GLU A 140 19.42 -13.88 -21.36
N CYS A 141 20.56 -13.28 -21.71
CA CYS A 141 20.76 -11.80 -21.74
C CYS A 141 21.75 -11.43 -22.86
N GLY A 142 21.23 -10.98 -24.00
CA GLY A 142 22.00 -10.31 -25.06
C GLY A 142 21.86 -8.81 -24.95
N SER A 143 22.54 -8.05 -25.81
CA SER A 143 22.51 -6.56 -25.82
C SER A 143 21.09 -6.07 -26.08
N ASP A 144 20.18 -6.96 -26.49
CA ASP A 144 18.79 -6.62 -26.90
C ASP A 144 17.77 -7.20 -25.90
N TYR A 145 18.24 -7.68 -24.75
CA TYR A 145 17.41 -8.37 -23.72
C TYR A 145 16.35 -7.40 -23.16
N ILE A 146 15.14 -7.91 -22.96
CA ILE A 146 14.02 -7.22 -22.25
C ILE A 146 13.34 -8.23 -21.31
N SER A 147 13.49 -8.03 -19.99
CA SER A 147 12.90 -8.91 -18.95
C SER A 147 11.39 -9.00 -19.13
N GLU A 148 10.82 -10.10 -18.65
CA GLU A 148 9.35 -10.24 -18.50
C GLU A 148 8.94 -9.36 -17.31
N PHE A 149 9.89 -8.98 -16.46
CA PHE A 149 9.56 -8.33 -15.18
C PHE A 149 9.16 -6.91 -15.59
N ARG A 150 8.04 -6.49 -15.04
CA ARG A 150 7.54 -5.11 -15.04
C ARG A 150 8.22 -4.42 -13.85
N PHE A 151 8.89 -3.32 -14.13
CA PHE A 151 9.81 -2.60 -13.23
C PHE A 151 9.28 -1.20 -13.01
N ALA A 152 8.41 -0.67 -13.87
CA ALA A 152 8.19 0.78 -13.92
C ALA A 152 6.89 1.06 -14.67
N PRO A 153 6.30 2.23 -14.41
CA PRO A 153 5.11 2.66 -15.15
C PRO A 153 5.39 2.75 -16.64
N ASN A 154 6.62 3.12 -17.04
CA ASN A 154 7.03 3.21 -18.47
C ASN A 154 8.43 2.62 -18.65
N HIS A 155 8.52 1.56 -19.45
CA HIS A 155 9.78 0.86 -19.70
C HIS A 155 10.55 1.52 -20.84
N THR A 156 11.87 1.58 -20.72
CA THR A 156 12.79 2.03 -21.78
C THR A 156 13.91 1.02 -21.88
N LYS A 157 14.57 0.96 -23.03
CA LYS A 157 15.74 0.08 -23.20
C LYS A 157 16.82 0.50 -22.21
N GLU A 158 17.02 1.80 -22.02
CA GLU A 158 18.02 2.32 -21.04
C GLU A 158 17.76 1.71 -19.65
N LEU A 159 16.50 1.66 -19.20
CA LEU A 159 16.17 1.12 -17.87
C LEU A 159 16.48 -0.38 -17.82
N GLU A 160 16.17 -1.12 -18.87
CA GLU A 160 16.46 -2.57 -18.95
C GLU A 160 17.97 -2.81 -18.85
N ASP A 161 18.73 -1.98 -19.53
CA ASP A 161 20.21 -2.09 -19.50
C ASP A 161 20.71 -1.84 -18.07
N LYS A 162 20.11 -0.87 -17.39
CA LYS A 162 20.62 -0.47 -16.06
C LYS A 162 20.29 -1.58 -15.08
N VAL A 163 19.09 -2.17 -15.17
CA VAL A 163 18.71 -3.35 -14.35
C VAL A 163 19.78 -4.44 -14.52
N ILE A 164 20.14 -4.78 -15.75
CA ILE A 164 21.13 -5.87 -15.99
C ILE A 164 22.47 -5.48 -15.39
N GLU A 165 22.93 -4.25 -15.64
CA GLU A 165 24.23 -3.77 -15.08
C GLU A 165 24.23 -3.98 -13.56
N LEU A 166 23.16 -3.56 -12.88
CA LEU A 166 23.14 -3.65 -11.40
C LEU A 166 22.94 -5.13 -11.00
N HIS A 167 22.24 -5.91 -11.82
CA HIS A 167 22.04 -7.33 -11.48
C HIS A 167 23.42 -8.04 -11.44
N LYS A 168 24.29 -7.75 -12.40
CA LYS A 168 25.65 -8.33 -12.41
C LYS A 168 26.33 -8.15 -11.05
N SER A 169 26.08 -7.06 -10.34
CA SER A 169 26.83 -6.72 -9.12
C SER A 169 26.30 -7.55 -7.94
N HIS A 170 25.16 -8.23 -8.05
CA HIS A 170 24.51 -8.93 -6.89
C HIS A 170 24.87 -10.43 -6.83
N ARG A 171 25.91 -10.86 -7.54
CA ARG A 171 26.27 -12.30 -7.62
C ARG A 171 26.37 -12.89 -6.20
N GLY A 172 25.68 -14.01 -5.97
CA GLY A 172 25.73 -14.80 -4.72
C GLY A 172 24.64 -14.42 -3.74
N MET A 173 23.82 -13.44 -4.10
CA MET A 173 22.76 -12.89 -3.22
C MET A 173 21.58 -13.83 -3.25
N THR A 174 21.12 -14.23 -2.08
CA THR A 174 19.97 -15.15 -1.95
C THR A 174 18.66 -14.35 -2.06
N PRO A 175 17.53 -15.02 -2.32
CA PRO A 175 16.27 -14.30 -2.42
C PRO A 175 15.93 -13.44 -1.21
N ALA A 176 16.15 -13.93 0.01
CA ALA A 176 15.80 -13.20 1.25
C ALA A 176 16.65 -11.93 1.35
N GLU A 177 17.90 -12.03 0.93
CA GLU A 177 18.88 -10.92 0.98
C GLU A 177 18.53 -9.83 -0.04
N ALA A 178 18.21 -10.22 -1.28
CA ALA A 178 17.80 -9.31 -2.36
C ALA A 178 16.50 -8.58 -1.94
N GLU A 179 15.55 -9.32 -1.38
CA GLU A 179 14.26 -8.76 -0.88
C GLU A 179 14.57 -7.76 0.23
N MET A 180 15.52 -8.04 1.12
CA MET A 180 15.84 -7.09 2.20
C MET A 180 16.42 -5.80 1.60
N HIS A 181 17.32 -5.90 0.63
CA HIS A 181 17.93 -4.73 -0.05
C HIS A 181 16.84 -3.95 -0.79
N PHE A 182 15.93 -4.68 -1.40
CA PHE A 182 14.82 -4.02 -2.12
C PHE A 182 14.10 -3.12 -1.12
N LEU A 183 13.74 -3.67 0.06
CA LEU A 183 12.94 -2.98 1.08
C LEU A 183 13.74 -1.83 1.71
N GLU A 184 15.06 -1.97 1.90
CA GLU A 184 15.87 -0.90 2.53
C GLU A 184 15.87 0.31 1.61
N ASN A 185 15.85 0.09 0.31
CA ASN A 185 15.74 1.19 -0.68
C ASN A 185 14.29 1.72 -0.78
N ALA A 186 13.32 0.84 -1.00
CA ALA A 186 11.90 1.26 -1.21
C ALA A 186 11.39 2.10 -0.04
N LYS A 187 11.75 1.73 1.19
CA LYS A 187 11.18 2.32 2.42
C LYS A 187 11.61 3.79 2.53
N LYS A 188 12.61 4.24 1.78
CA LYS A 188 13.14 5.62 1.88
C LYS A 188 12.43 6.54 0.89
N LEU A 189 11.66 5.97 -0.03
CA LEU A 189 11.02 6.77 -1.06
C LEU A 189 9.96 7.67 -0.38
N SER A 190 9.84 8.92 -0.83
CA SER A 190 8.97 9.93 -0.16
C SER A 190 7.50 9.48 -0.18
N MET A 191 7.05 8.67 -1.12
CA MET A 191 5.63 8.21 -1.11
C MET A 191 5.48 6.79 -0.57
N TYR A 192 6.50 6.23 0.09
CA TYR A 192 6.40 4.86 0.62
C TYR A 192 5.31 4.77 1.68
N GLY A 193 4.37 3.88 1.48
CA GLY A 193 3.27 3.61 2.41
C GLY A 193 2.27 4.77 2.52
N VAL A 194 2.26 5.70 1.57
CA VAL A 194 1.38 6.90 1.58
C VAL A 194 0.11 6.56 0.78
N ASP A 195 -1.02 6.50 1.46
CA ASP A 195 -2.37 6.35 0.88
C ASP A 195 -2.90 7.74 0.55
N LEU A 196 -3.06 8.08 -0.74
CA LEU A 196 -3.45 9.43 -1.22
C LEU A 196 -4.97 9.52 -1.41
N HIS A 197 -5.58 10.62 -0.96
CA HIS A 197 -7.02 10.87 -1.18
C HIS A 197 -7.18 12.26 -1.80
N HIS A 198 -7.92 12.38 -2.90
CA HIS A 198 -8.29 13.71 -3.48
C HIS A 198 -9.19 14.52 -2.53
N ALA A 199 -8.92 15.81 -2.37
CA ALA A 199 -9.74 16.68 -1.50
C ALA A 199 -9.60 18.12 -1.98
N LYS A 200 -10.50 19.00 -1.52
CA LYS A 200 -10.33 20.46 -1.63
C LYS A 200 -10.11 21.02 -0.23
N ASP A 201 -9.29 22.07 -0.15
CA ASP A 201 -9.08 22.86 1.08
C ASP A 201 -10.30 23.75 1.29
N SER A 202 -10.32 24.50 2.39
CA SER A 202 -11.41 25.42 2.79
C SER A 202 -11.60 26.54 1.77
N GLU A 203 -10.62 26.79 0.89
CA GLU A 203 -10.71 27.80 -0.19
C GLU A 203 -11.19 27.16 -1.49
N GLY A 204 -11.36 25.84 -1.55
CA GLY A 204 -11.84 25.11 -2.75
C GLY A 204 -10.71 24.67 -3.67
N VAL A 205 -9.44 24.78 -3.26
CA VAL A 205 -8.25 24.42 -4.10
C VAL A 205 -8.01 22.91 -3.97
N GLU A 206 -7.75 22.24 -5.10
CA GLU A 206 -7.52 20.78 -5.21
C GLU A 206 -6.23 20.44 -4.48
N ILE A 207 -6.29 19.55 -3.50
CA ILE A 207 -5.11 19.06 -2.74
C ILE A 207 -5.14 17.53 -2.76
N MET A 208 -4.13 16.91 -2.17
CA MET A 208 -4.14 15.45 -1.87
C MET A 208 -3.86 15.32 -0.39
N LEU A 209 -4.65 14.52 0.31
CA LEU A 209 -4.35 14.14 1.70
C LEU A 209 -3.64 12.78 1.72
N GLY A 210 -2.45 12.72 2.30
CA GLY A 210 -1.71 11.46 2.39
C GLY A 210 -1.83 10.90 3.78
N VAL A 211 -2.07 9.61 3.91
CA VAL A 211 -2.12 8.93 5.25
C VAL A 211 -1.00 7.89 5.30
N CYS A 212 -0.18 7.93 6.34
CA CYS A 212 0.95 6.99 6.48
C CYS A 212 1.27 6.78 7.95
N ALA A 213 2.26 5.93 8.22
CA ALA A 213 2.79 5.60 9.56
C ALA A 213 2.99 6.86 10.43
N SER A 214 3.64 7.88 9.86
CA SER A 214 4.20 9.01 10.65
C SER A 214 3.13 10.07 10.86
N GLY A 215 2.16 10.15 9.95
CA GLY A 215 1.08 11.11 10.18
C GLY A 215 0.26 11.41 8.95
N LEU A 216 -0.14 12.66 8.83
CA LEU A 216 -0.94 13.18 7.70
C LEU A 216 -0.06 14.12 6.88
N LEU A 217 -0.22 14.04 5.56
CA LEU A 217 0.45 14.96 4.62
C LEU A 217 -0.64 15.66 3.82
N ILE A 218 -0.52 16.98 3.68
CA ILE A 218 -1.39 17.80 2.81
C ILE A 218 -0.49 18.28 1.68
N TYR A 219 -0.70 17.73 0.49
CA TYR A 219 0.03 18.08 -0.75
C TYR A 219 -0.74 19.19 -1.47
N ARG A 220 -0.41 20.46 -1.19
CA ARG A 220 -0.99 21.65 -1.88
C ARG A 220 -0.47 21.65 -3.32
N ASP A 221 0.85 21.60 -3.46
CA ASP A 221 1.59 21.20 -4.69
C ASP A 221 3.00 20.78 -4.24
N ARG A 222 3.97 20.76 -5.15
CA ARG A 222 5.36 20.32 -4.87
C ARG A 222 6.00 21.28 -3.85
N LEU A 223 5.70 22.58 -3.97
CA LEU A 223 6.17 23.64 -3.04
C LEU A 223 5.08 23.92 -2.00
N ARG A 224 5.44 23.86 -0.71
CA ARG A 224 4.54 24.00 0.47
C ARG A 224 3.73 22.71 0.62
N ILE A 225 4.30 21.73 1.35
CA ILE A 225 3.66 20.46 1.78
C ILE A 225 3.57 20.48 3.32
N ASN A 226 2.35 20.50 3.86
CA ASN A 226 2.08 20.46 5.31
C ASN A 226 2.13 19.00 5.79
N ARG A 227 2.80 18.76 6.92
CA ARG A 227 2.91 17.42 7.55
C ARG A 227 2.46 17.53 9.01
N PHE A 228 1.56 16.64 9.45
CA PHE A 228 1.08 16.62 10.83
C PHE A 228 1.46 15.23 11.36
N ALA A 229 2.58 15.12 12.09
CA ALA A 229 2.95 13.90 12.84
C ALA A 229 1.72 13.56 13.70
N TRP A 230 1.47 12.29 14.00
CA TRP A 230 0.34 11.92 14.88
C TRP A 230 0.36 12.73 16.18
N PRO A 231 1.51 12.97 16.84
CA PRO A 231 1.54 13.74 18.09
C PRO A 231 0.83 15.11 17.99
N LYS A 232 0.92 15.77 16.83
CA LYS A 232 0.36 17.11 16.56
C LYS A 232 -1.16 17.04 16.36
N VAL A 233 -1.70 15.88 15.98
CA VAL A 233 -3.14 15.72 15.66
C VAL A 233 -3.94 15.47 16.95
N LEU A 234 -4.80 16.41 17.32
CA LEU A 234 -5.71 16.29 18.50
C LEU A 234 -6.89 15.39 18.17
N LYS A 235 -7.54 15.64 17.04
CA LYS A 235 -8.84 15.02 16.69
C LYS A 235 -9.04 15.12 15.18
N ILE A 236 -9.71 14.13 14.61
CA ILE A 236 -10.14 14.15 13.18
C ILE A 236 -11.60 13.66 13.14
N SER A 237 -12.39 14.25 12.26
CA SER A 237 -13.85 14.03 12.18
C SER A 237 -14.31 14.18 10.73
N TYR A 238 -15.50 13.67 10.43
CA TYR A 238 -16.18 13.88 9.14
C TYR A 238 -17.65 14.20 9.42
N LYS A 239 -18.22 15.08 8.61
CA LYS A 239 -19.66 15.44 8.67
C LYS A 239 -20.02 15.74 7.22
N ARG A 240 -20.98 14.99 6.66
CA ARG A 240 -21.40 15.19 5.26
C ARG A 240 -20.20 14.90 4.36
N ASN A 241 -19.79 15.82 3.47
CA ASN A 241 -18.65 15.62 2.55
C ASN A 241 -17.40 16.25 3.15
N ASN A 242 -17.48 16.61 4.42
CA ASN A 242 -16.43 17.41 5.08
C ASN A 242 -15.61 16.52 6.00
N PHE A 243 -14.31 16.84 6.02
CA PHE A 243 -13.25 16.17 6.79
C PHE A 243 -12.42 17.25 7.47
N TYR A 244 -12.40 17.25 8.80
CA TYR A 244 -11.77 18.31 9.65
C TYR A 244 -10.63 17.69 10.45
N ILE A 245 -9.47 18.35 10.46
CA ILE A 245 -8.30 17.96 11.28
C ILE A 245 -8.12 19.03 12.37
N LYS A 246 -8.21 18.62 13.63
CA LYS A 246 -7.91 19.44 14.82
C LYS A 246 -6.40 19.29 15.12
N ILE A 247 -5.67 20.40 15.20
CA ILE A 247 -4.18 20.41 15.41
C ILE A 247 -3.89 21.01 16.78
N ARG A 248 -3.07 20.32 17.58
CA ARG A 248 -2.61 20.79 18.92
C ARG A 248 -2.14 22.24 18.82
N PRO A 249 -2.32 23.04 19.90
CA PRO A 249 -1.62 24.32 20.00
C PRO A 249 -0.13 24.05 20.21
N GLY A 250 0.74 24.88 19.63
CA GLY A 250 2.15 24.98 20.04
C GLY A 250 2.24 25.41 21.50
N GLU A 251 3.29 24.99 22.23
CA GLU A 251 3.45 25.29 23.67
C GLU A 251 3.10 26.76 23.96
N PHE A 252 2.25 26.99 24.96
CA PHE A 252 1.78 28.33 25.43
C PHE A 252 0.89 28.99 24.37
N GLU A 253 0.28 28.19 23.48
CA GLU A 253 -0.89 28.58 22.67
C GLU A 253 -2.15 28.10 23.39
N GLN A 254 -3.20 28.93 23.44
CA GLN A 254 -4.43 28.64 24.20
C GLN A 254 -5.28 27.59 23.47
N PHE A 255 -5.41 27.72 22.14
CA PHE A 255 -6.48 27.02 21.36
C PHE A 255 -5.92 26.32 20.11
N GLU A 256 -6.30 25.05 19.97
CA GLU A 256 -6.07 24.22 18.75
C GLU A 256 -6.48 25.02 17.51
N SER A 257 -5.91 24.63 16.36
CA SER A 257 -6.29 25.11 15.01
C SER A 257 -7.18 24.02 14.36
N THR A 258 -8.09 24.41 13.49
CA THR A 258 -8.91 23.44 12.72
C THR A 258 -8.67 23.65 11.23
N ILE A 259 -8.28 22.58 10.54
CA ILE A 259 -8.21 22.53 9.06
C ILE A 259 -9.36 21.63 8.59
N GLY A 260 -10.22 22.22 7.75
CA GLY A 260 -11.36 21.57 7.08
C GLY A 260 -11.02 21.23 5.65
N PHE A 261 -11.53 20.07 5.18
CA PHE A 261 -11.42 19.66 3.76
C PHE A 261 -12.77 19.19 3.21
N LYS A 262 -12.97 19.43 1.92
CA LYS A 262 -14.15 18.93 1.18
C LYS A 262 -13.70 17.74 0.36
N LEU A 263 -14.33 16.60 0.60
CA LEU A 263 -14.17 15.32 -0.15
C LEU A 263 -15.26 15.26 -1.21
N PRO A 264 -15.05 14.47 -2.29
CA PRO A 264 -16.03 14.30 -3.37
C PRO A 264 -17.45 13.95 -2.89
N ASN A 265 -17.59 13.12 -1.88
CA ASN A 265 -18.92 12.69 -1.41
C ASN A 265 -18.78 12.19 0.00
N HIS A 266 -19.90 11.88 0.62
CA HIS A 266 -19.95 11.46 2.03
C HIS A 266 -19.13 10.18 2.22
N ARG A 267 -19.20 9.25 1.26
CA ARG A 267 -18.52 7.93 1.40
C ARG A 267 -17.00 8.15 1.37
N ALA A 268 -16.52 9.02 0.51
CA ALA A 268 -15.08 9.35 0.40
C ALA A 268 -14.62 10.02 1.71
N ALA A 269 -15.48 10.80 2.37
CA ALA A 269 -15.10 11.42 3.66
C ALA A 269 -14.97 10.30 4.69
N LYS A 270 -15.94 9.39 4.74
CA LYS A 270 -15.98 8.35 5.80
C LYS A 270 -14.77 7.41 5.64
N ARG A 271 -14.46 7.07 4.40
CA ARG A 271 -13.33 6.19 4.01
C ARG A 271 -12.01 6.78 4.53
N LEU A 272 -11.78 8.06 4.25
CA LEU A 272 -10.55 8.77 4.68
C LEU A 272 -10.49 8.72 6.21
N TRP A 273 -11.61 8.99 6.89
CA TRP A 273 -11.70 9.00 8.37
C TRP A 273 -11.29 7.62 8.89
N LYS A 274 -11.83 6.58 8.31
CA LYS A 274 -11.58 5.20 8.82
C LYS A 274 -10.08 4.89 8.65
N VAL A 275 -9.49 5.22 7.51
CA VAL A 275 -8.07 4.88 7.22
C VAL A 275 -7.17 5.71 8.14
N CYS A 276 -7.52 6.97 8.47
CA CYS A 276 -6.76 7.76 9.48
C CYS A 276 -6.79 7.11 10.88
N VAL A 277 -7.97 6.75 11.37
CA VAL A 277 -8.17 6.10 12.70
C VAL A 277 -7.31 4.83 12.74
N GLU A 278 -7.39 4.00 11.69
CA GLU A 278 -6.66 2.71 11.61
C GLU A 278 -5.15 2.95 11.62
N HIS A 279 -4.65 3.88 10.81
CA HIS A 279 -3.19 4.20 10.79
C HIS A 279 -2.81 4.83 12.12
N HIS A 280 -3.67 5.65 12.70
CA HIS A 280 -3.39 6.27 14.03
C HIS A 280 -3.27 5.18 15.10
N THR A 281 -4.19 4.23 15.12
CA THR A 281 -4.13 3.11 16.10
C THR A 281 -2.86 2.30 15.88
N PHE A 282 -2.58 1.92 14.64
CA PHE A 282 -1.46 1.00 14.32
C PHE A 282 -0.13 1.66 14.69
N PHE A 283 0.04 2.93 14.33
CA PHE A 283 1.34 3.64 14.41
C PHE A 283 1.28 4.57 15.61
N ARG A 284 0.58 4.11 16.65
CA ARG A 284 0.61 4.47 18.08
C ARG A 284 0.97 3.23 18.92
N LEU A 285 0.93 2.03 18.33
CA LEU A 285 1.25 0.74 19.00
C LEU A 285 2.64 0.27 18.58
N LEU A 286 2.88 0.11 17.27
CA LEU A 286 4.25 0.07 16.70
C LEU A 286 4.98 1.29 17.28
C4 WJ7 B . -7.29 11.72 17.60
C5 WJ7 B . -5.92 11.99 17.67
C6 WJ7 B . -5.08 11.53 16.61
C7 WJ7 B . -5.60 10.85 15.53
C8 WJ7 B . -6.96 10.60 15.54
N WJ7 B . -9.81 9.44 16.74
C WJ7 B . -11.27 9.21 16.86
O WJ7 B . -10.12 11.64 16.26
C1 WJ7 B . -8.96 8.23 16.82
C2 WJ7 B . -9.32 10.75 16.49
C3 WJ7 B . -7.83 11.02 16.53
F WJ7 B . -3.77 11.71 16.66
BR WJ7 B . -7.60 9.51 14.11
S DMS C . -2.19 -7.71 -8.74
O DMS C . -1.24 -7.19 -7.65
C1 DMS C . -2.72 -6.25 -9.62
C2 DMS C . -1.15 -8.40 -10.01
S DMS D . 7.47 9.32 4.56
O DMS D . 8.31 9.50 3.34
C1 DMS D . 6.64 7.78 4.32
C2 DMS D . 6.07 10.41 4.37
C1 EDO E . 12.10 -16.92 9.48
O1 EDO E . 11.91 -16.37 8.17
C2 EDO E . 13.37 -16.47 10.09
O2 EDO E . 13.88 -15.27 9.48
C1 EDO F . -3.55 -0.59 -4.04
O1 EDO F . -3.53 -1.85 -4.71
C2 EDO F . -3.40 -0.72 -2.57
O2 EDO F . -4.53 -1.33 -1.93
C1 EDO G . -2.33 7.23 -5.19
O1 EDO G . -3.37 6.59 -5.91
C2 EDO G . -1.65 6.33 -4.19
O2 EDO G . -2.05 6.46 -2.82
C1 EDO H . 5.86 -8.51 -13.29
O1 EDO H . 6.64 -9.27 -14.19
C2 EDO H . 6.66 -8.01 -12.14
O2 EDO H . 6.27 -6.75 -11.57
C1 EDO I . -25.11 6.86 -3.72
O1 EDO I . -25.34 6.63 -5.09
C2 EDO I . -24.16 5.88 -3.12
O2 EDO I . -23.83 6.16 -1.78
C1 EDO J . 0.43 2.67 -2.09
O1 EDO J . -0.39 1.83 -2.87
C2 EDO J . -0.11 2.93 -0.74
O2 EDO J . -1.51 2.67 -0.67
#